data_4CY3
#
_entry.id   4CY3
#
_cell.length_a   78.740
_cell.length_b   98.850
_cell.length_c   80.030
_cell.angle_alpha   90.00
_cell.angle_beta   90.00
_cell.angle_gamma   90.00
#
_symmetry.space_group_name_H-M   'C 2 2 21'
#
loop_
_entity.id
_entity.type
_entity.pdbx_description
1 polymer 'PROTEIN WILL DIE SLOWLY'
2 polymer 'CG4699, ISOFORM D'
3 non-polymer GLYCEROL
4 water water
#
loop_
_entity_poly.entity_id
_entity_poly.type
_entity_poly.pdbx_seq_one_letter_code
_entity_poly.pdbx_strand_id
1 'polypeptide(L)'
;GAMGASNKSSLSVKPNYTLKFTLAGHTKAVSAVKFSPNGEWLASSSADKLIKIWGAYDGKFEKTISGHKLGISDVAWSSD
SRLLVSGSDDKTLKVWELSTGKSLKTLKGHSNYVFCCNFNPQSNLIVSGSFDESVRIWDVRTGKCLKTLPAHSDPVSAVH
FNRDGSLIVSSSYDGLCRIWDTASGQCLKTLIDDDNPPVSFVKFSPNGKYILAATLDNTLKLWDYSKGKCLKTYTGHKNE
KYCIFANFSVTGGKWIVSGSEDNMVYIWNLQSKEVVQKLQGHTDTVLCTACHPTENIIASAALENDKTIKLWKSDT
;
A
2 'polypeptide(L)' GSDYLCSRARPLVLSE D
#
# COMPACT_ATOMS: atom_id res chain seq x y z
N LYS A 14 -0.15 25.91 1.52
CA LYS A 14 -0.20 24.77 2.48
C LYS A 14 -1.62 24.21 2.59
N PRO A 15 -1.74 22.89 2.90
CA PRO A 15 -3.07 22.31 3.04
C PRO A 15 -3.69 22.62 4.39
N ASN A 16 -4.99 22.42 4.52
CA ASN A 16 -5.68 22.58 5.80
C ASN A 16 -6.62 21.41 6.08
N TYR A 17 -6.05 20.21 6.13
CA TYR A 17 -6.80 19.01 6.45
C TYR A 17 -7.33 19.07 7.89
N THR A 18 -8.63 18.85 8.03
CA THR A 18 -9.28 18.75 9.33
C THR A 18 -10.12 17.48 9.40
N LEU A 19 -10.32 16.98 10.62
CA LEU A 19 -11.01 15.72 10.83
C LEU A 19 -12.52 15.85 10.55
N LYS A 20 -13.03 14.95 9.71
CA LYS A 20 -14.45 14.94 9.37
C LYS A 20 -15.18 13.71 9.93
N PHE A 21 -14.58 12.52 9.78
CA PHE A 21 -15.19 11.29 10.28
C PHE A 21 -14.17 10.35 10.89
N THR A 22 -14.58 9.63 11.91
CA THR A 22 -13.80 8.53 12.49
C THR A 22 -14.62 7.26 12.35
N LEU A 23 -14.00 6.22 11.79
CA LEU A 23 -14.69 4.97 11.46
C LEU A 23 -14.23 3.84 12.37
N ALA A 24 -15.10 3.41 13.27
CA ALA A 24 -14.84 2.27 14.15
C ALA A 24 -15.54 1.04 13.59
N GLY A 25 -14.91 -0.12 13.78
CA GLY A 25 -15.48 -1.37 13.29
C GLY A 25 -14.53 -2.55 13.34
N HIS A 26 -13.29 -2.33 12.94
CA HIS A 26 -12.27 -3.37 13.02
C HIS A 26 -11.95 -3.69 14.47
N THR A 27 -11.75 -4.96 14.76
CA THR A 27 -11.51 -5.41 16.14
C THR A 27 -10.02 -5.63 16.43
N LYS A 28 -9.18 -5.40 15.43
CA LYS A 28 -7.72 -5.43 15.61
C LYS A 28 -7.09 -4.32 14.77
N ALA A 29 -5.77 -4.19 14.84
CA ALA A 29 -5.02 -3.22 14.03
C ALA A 29 -5.47 -3.18 12.57
N VAL A 30 -5.58 -1.97 12.03
CA VAL A 30 -5.92 -1.77 10.63
C VAL A 30 -4.62 -1.75 9.82
N SER A 31 -4.55 -2.62 8.81
CA SER A 31 -3.30 -2.87 8.08
C SER A 31 -3.17 -2.08 6.77
N ALA A 32 -4.29 -1.73 6.14
CA ALA A 32 -4.26 -0.93 4.92
C ALA A 32 -5.58 -0.22 4.69
N VAL A 33 -5.52 0.95 4.05
CA VAL A 33 -6.70 1.66 3.57
C VAL A 33 -6.45 2.12 2.14
N LYS A 34 -7.45 2.00 1.27
CA LYS A 34 -7.32 2.38 -0.14
C LYS A 34 -8.66 2.91 -0.66
N PHE A 35 -8.63 4.06 -1.32
CA PHE A 35 -9.82 4.57 -2.01
C PHE A 35 -9.97 3.84 -3.35
N SER A 36 -11.21 3.55 -3.74
CA SER A 36 -11.48 2.98 -5.06
C SER A 36 -11.12 4.01 -6.13
N PRO A 37 -10.62 3.55 -7.30
CA PRO A 37 -10.30 4.48 -8.39
C PRO A 37 -11.45 5.37 -8.84
N ASN A 38 -12.69 4.92 -8.70
CA ASN A 38 -13.87 5.74 -9.06
C ASN A 38 -14.29 6.72 -7.96
N GLY A 39 -13.57 6.73 -6.84
CA GLY A 39 -13.79 7.69 -5.76
C GLY A 39 -14.97 7.40 -4.83
N GLU A 40 -15.70 6.33 -5.09
CA GLU A 40 -16.93 6.04 -4.35
C GLU A 40 -16.68 5.43 -2.96
N TRP A 41 -15.61 4.64 -2.84
CA TRP A 41 -15.43 3.78 -1.67
C TRP A 41 -14.05 3.88 -1.04
N LEU A 42 -14.00 3.54 0.23
CA LEU A 42 -12.75 3.25 0.93
C LEU A 42 -12.77 1.80 1.35
N ALA A 43 -11.71 1.06 1.05
CA ALA A 43 -11.55 -0.31 1.53
C ALA A 43 -10.50 -0.32 2.64
N SER A 44 -10.78 -1.06 3.70
CA SER A 44 -9.81 -1.24 4.78
C SER A 44 -9.61 -2.73 5.03
N SER A 45 -8.38 -3.09 5.37
CA SER A 45 -8.07 -4.47 5.79
C SER A 45 -7.50 -4.44 7.19
N SER A 46 -7.53 -5.58 7.87
CA SER A 46 -7.14 -5.62 9.27
C SER A 46 -6.58 -6.97 9.70
N ALA A 47 -5.83 -6.93 10.80
CA ALA A 47 -5.38 -8.13 11.49
C ALA A 47 -6.54 -8.98 12.00
N ASP A 48 -7.76 -8.42 12.04
CA ASP A 48 -8.97 -9.17 12.41
C ASP A 48 -9.51 -10.08 11.29
N LYS A 49 -8.77 -10.21 10.19
CA LYS A 49 -9.09 -11.12 9.08
C LYS A 49 -10.15 -10.58 8.12
N LEU A 50 -10.59 -9.34 8.32
CA LEU A 50 -11.71 -8.79 7.57
C LEU A 50 -11.31 -7.64 6.66
N ILE A 51 -12.04 -7.51 5.56
CA ILE A 51 -12.03 -6.31 4.73
C ILE A 51 -13.35 -5.59 4.99
N LYS A 52 -13.30 -4.27 5.12
CA LYS A 52 -14.51 -3.47 5.28
C LYS A 52 -14.55 -2.38 4.21
N ILE A 53 -15.76 -2.10 3.73
CA ILE A 53 -16.00 -1.11 2.69
C ILE A 53 -16.80 0.03 3.31
N TRP A 54 -16.36 1.26 3.03
CA TRP A 54 -16.99 2.46 3.60
C TRP A 54 -17.23 3.47 2.48
N GLY A 55 -18.25 4.31 2.64
CA GLY A 55 -18.46 5.43 1.73
C GLY A 55 -17.31 6.41 1.83
N ALA A 56 -16.73 6.76 0.69
CA ALA A 56 -15.52 7.60 0.65
C ALA A 56 -15.76 9.03 1.13
N TYR A 57 -16.96 9.55 0.92
CA TYR A 57 -17.28 10.95 1.22
C TYR A 57 -17.91 11.16 2.59
N ASP A 58 -18.74 10.21 3.03
CA ASP A 58 -19.45 10.32 4.32
C ASP A 58 -18.99 9.30 5.37
N GLY A 59 -18.16 8.35 4.98
CA GLY A 59 -17.65 7.33 5.91
C GLY A 59 -18.67 6.29 6.32
N LYS A 60 -19.80 6.23 5.60
CA LYS A 60 -20.88 5.32 5.95
C LYS A 60 -20.49 3.89 5.66
N PHE A 61 -20.62 3.02 6.66
CA PHE A 61 -20.30 1.60 6.51
C PHE A 61 -21.16 0.97 5.41
N GLU A 62 -20.52 0.23 4.51
CA GLU A 62 -21.20 -0.40 3.38
C GLU A 62 -21.33 -1.91 3.59
N LYS A 63 -20.21 -2.60 3.74
CA LYS A 63 -20.22 -4.06 3.92
C LYS A 63 -18.91 -4.60 4.47
N THR A 64 -18.97 -5.82 5.02
CA THR A 64 -17.79 -6.57 5.44
C THR A 64 -17.59 -7.73 4.47
N ILE A 65 -16.33 -7.94 4.09
CA ILE A 65 -15.95 -9.05 3.22
C ILE A 65 -15.06 -9.99 4.02
N SER A 66 -15.51 -11.23 4.17
CA SER A 66 -14.84 -12.23 5.01
CA SER A 66 -14.82 -12.23 5.00
C SER A 66 -14.43 -13.47 4.21
N GLY A 67 -13.44 -14.20 4.73
CA GLY A 67 -12.99 -15.43 4.09
C GLY A 67 -11.59 -15.88 4.49
N HIS A 68 -10.68 -14.94 4.70
CA HIS A 68 -9.30 -15.27 5.10
C HIS A 68 -9.28 -15.96 6.47
N LYS A 69 -8.34 -16.88 6.65
CA LYS A 69 -8.21 -17.64 7.89
C LYS A 69 -7.31 -16.98 8.93
N LEU A 70 -6.46 -16.06 8.48
CA LEU A 70 -5.61 -15.29 9.37
C LEU A 70 -5.63 -13.83 8.94
N GLY A 71 -4.94 -12.98 9.70
CA GLY A 71 -4.94 -11.54 9.45
C GLY A 71 -4.48 -11.14 8.05
N ILE A 72 -4.96 -9.98 7.61
CA ILE A 72 -4.68 -9.46 6.27
C ILE A 72 -3.68 -8.31 6.40
N SER A 73 -2.65 -8.31 5.56
CA SER A 73 -1.64 -7.24 5.56
C SER A 73 -1.84 -6.19 4.48
N ASP A 74 -2.63 -6.49 3.45
CA ASP A 74 -2.83 -5.54 2.35
C ASP A 74 -4.11 -5.86 1.59
N VAL A 75 -4.72 -4.82 1.02
CA VAL A 75 -5.86 -4.94 0.13
C VAL A 75 -5.70 -3.90 -0.97
N ALA A 76 -6.15 -4.22 -2.18
CA ALA A 76 -5.99 -3.31 -3.31
C ALA A 76 -7.16 -3.43 -4.28
N TRP A 77 -7.44 -2.35 -4.99
CA TRP A 77 -8.55 -2.26 -5.94
C TRP A 77 -8.11 -2.55 -7.36
N SER A 78 -9.02 -3.12 -8.14
CA SER A 78 -8.84 -3.16 -9.59
C SER A 78 -9.16 -1.78 -10.17
N SER A 79 -8.66 -1.51 -11.37
CA SER A 79 -8.78 -0.19 -12.00
CA SER A 79 -8.77 -0.17 -11.98
C SER A 79 -10.22 0.29 -12.21
N ASP A 80 -11.13 -0.66 -12.42
CA ASP A 80 -12.55 -0.34 -12.64
C ASP A 80 -13.39 -0.35 -11.37
N SER A 81 -12.72 -0.47 -10.22
CA SER A 81 -13.36 -0.49 -8.89
C SER A 81 -14.30 -1.67 -8.64
N ARG A 82 -14.27 -2.68 -9.51
CA ARG A 82 -15.21 -3.81 -9.38
C ARG A 82 -14.64 -4.96 -8.54
N LEU A 83 -13.32 -5.10 -8.52
CA LEU A 83 -12.66 -6.17 -7.78
C LEU A 83 -11.70 -5.65 -6.72
N LEU A 84 -11.43 -6.48 -5.73
CA LEU A 84 -10.36 -6.24 -4.77
C LEU A 84 -9.47 -7.48 -4.67
N VAL A 85 -8.24 -7.28 -4.25
CA VAL A 85 -7.34 -8.39 -3.93
C VAL A 85 -6.74 -8.14 -2.56
N SER A 86 -6.62 -9.20 -1.75
CA SER A 86 -6.04 -9.10 -0.41
C SER A 86 -4.97 -10.15 -0.22
N GLY A 87 -3.99 -9.85 0.64
CA GLY A 87 -2.91 -10.76 0.98
C GLY A 87 -2.89 -11.01 2.48
N SER A 88 -2.76 -12.28 2.86
CA SER A 88 -2.95 -12.69 4.25
C SER A 88 -1.82 -13.58 4.78
N ASP A 89 -1.72 -13.64 6.11
CA ASP A 89 -0.83 -14.58 6.79
C ASP A 89 -1.23 -16.04 6.59
N ASP A 90 -2.45 -16.29 6.08
CA ASP A 90 -2.83 -17.65 5.66
C ASP A 90 -2.12 -18.09 4.36
N LYS A 91 -1.27 -17.21 3.82
CA LYS A 91 -0.38 -17.49 2.69
C LYS A 91 -1.11 -17.48 1.34
N THR A 92 -2.34 -16.97 1.34
CA THR A 92 -3.11 -16.84 0.12
C THR A 92 -3.37 -15.38 -0.20
N LEU A 93 -3.72 -15.15 -1.47
CA LEU A 93 -4.43 -13.94 -1.84
C LEU A 93 -5.83 -14.36 -2.25
N LYS A 94 -6.78 -13.46 -2.06
CA LYS A 94 -8.15 -13.68 -2.50
C LYS A 94 -8.60 -12.54 -3.38
N VAL A 95 -9.27 -12.89 -4.47
CA VAL A 95 -9.84 -11.92 -5.40
C VAL A 95 -11.32 -11.83 -5.10
N TRP A 96 -11.79 -10.63 -4.79
CA TRP A 96 -13.15 -10.40 -4.34
C TRP A 96 -13.95 -9.57 -5.34
N GLU A 97 -15.23 -9.89 -5.50
CA GLU A 97 -16.14 -9.07 -6.29
C GLU A 97 -16.89 -8.13 -5.34
N LEU A 98 -16.69 -6.82 -5.50
CA LEU A 98 -17.27 -5.83 -4.59
C LEU A 98 -18.79 -5.95 -4.47
N SER A 99 -19.47 -5.99 -5.62
CA SER A 99 -20.93 -5.94 -5.64
C SER A 99 -21.59 -7.10 -4.90
N THR A 100 -21.02 -8.30 -5.05
CA THR A 100 -21.59 -9.51 -4.46
C THR A 100 -20.91 -9.93 -3.14
N GLY A 101 -19.66 -9.53 -2.95
CA GLY A 101 -18.85 -9.99 -1.82
C GLY A 101 -18.27 -11.38 -2.01
N LYS A 102 -18.40 -11.93 -3.23
CA LYS A 102 -17.91 -13.26 -3.54
C LYS A 102 -16.39 -13.30 -3.59
N SER A 103 -15.82 -14.41 -3.15
CA SER A 103 -14.41 -14.73 -3.39
CA SER A 103 -14.41 -14.73 -3.39
C SER A 103 -14.34 -15.46 -4.73
N LEU A 104 -13.94 -14.74 -5.78
CA LEU A 104 -13.89 -15.32 -7.12
C LEU A 104 -12.76 -16.34 -7.28
N LYS A 105 -11.60 -16.02 -6.72
CA LYS A 105 -10.43 -16.91 -6.79
C LYS A 105 -9.63 -16.80 -5.50
N THR A 106 -9.02 -17.91 -5.09
CA THR A 106 -8.03 -17.91 -4.02
C THR A 106 -6.70 -18.31 -4.65
N LEU A 107 -5.71 -17.42 -4.52
CA LEU A 107 -4.41 -17.59 -5.16
C LEU A 107 -3.45 -18.29 -4.18
N LYS A 108 -3.12 -19.54 -4.50
CA LYS A 108 -2.26 -20.37 -3.66
C LYS A 108 -0.95 -20.65 -4.37
N GLY A 109 0.17 -20.47 -3.68
CA GLY A 109 1.48 -20.63 -4.29
C GLY A 109 2.63 -20.15 -3.41
N HIS A 110 2.45 -19.00 -2.77
CA HIS A 110 3.45 -18.51 -1.81
C HIS A 110 3.64 -19.52 -0.69
N SER A 111 4.89 -19.71 -0.26
CA SER A 111 5.21 -20.66 0.81
C SER A 111 5.25 -20.01 2.19
N ASN A 112 5.01 -18.71 2.26
CA ASN A 112 4.97 -17.98 3.52
C ASN A 112 3.98 -16.82 3.41
N TYR A 113 3.82 -16.05 4.49
CA TYR A 113 2.84 -14.97 4.58
C TYR A 113 2.87 -14.05 3.36
N VAL A 114 1.68 -13.69 2.85
CA VAL A 114 1.60 -12.67 1.79
C VAL A 114 1.48 -11.32 2.45
N PHE A 115 2.36 -10.40 2.06
CA PHE A 115 2.51 -9.10 2.72
C PHE A 115 1.89 -7.94 1.94
N CYS A 116 1.94 -8.03 0.61
CA CYS A 116 1.56 -6.90 -0.24
C CYS A 116 1.01 -7.39 -1.57
N CYS A 117 0.17 -6.57 -2.20
CA CYS A 117 -0.46 -6.95 -3.47
C CYS A 117 -1.00 -5.75 -4.24
N ASN A 118 -1.15 -5.94 -5.55
CA ASN A 118 -1.72 -4.92 -6.44
C ASN A 118 -2.16 -5.53 -7.75
N PHE A 119 -3.18 -4.94 -8.37
CA PHE A 119 -3.53 -5.24 -9.75
C PHE A 119 -2.62 -4.42 -10.66
N ASN A 120 -2.43 -4.87 -11.89
CA ASN A 120 -1.83 -4.02 -12.92
C ASN A 120 -2.93 -3.09 -13.47
N PRO A 121 -2.56 -2.04 -14.22
CA PRO A 121 -3.55 -1.08 -14.74
C PRO A 121 -4.71 -1.71 -15.50
N GLN A 122 -4.43 -2.80 -16.21
CA GLN A 122 -5.43 -3.50 -17.01
CA GLN A 122 -5.44 -3.50 -17.00
C GLN A 122 -6.30 -4.42 -16.14
N SER A 123 -5.84 -4.71 -14.94
CA SER A 123 -6.53 -5.58 -13.98
C SER A 123 -6.71 -7.02 -14.48
N ASN A 124 -5.79 -7.46 -15.33
CA ASN A 124 -5.74 -8.85 -15.79
C ASN A 124 -4.63 -9.62 -15.08
N LEU A 125 -3.74 -8.90 -14.39
CA LEU A 125 -2.69 -9.51 -13.58
C LEU A 125 -2.72 -8.98 -12.17
N ILE A 126 -2.28 -9.82 -11.24
CA ILE A 126 -2.03 -9.42 -9.86
C ILE A 126 -0.56 -9.68 -9.57
N VAL A 127 0.07 -8.74 -8.85
CA VAL A 127 1.43 -8.93 -8.34
C VAL A 127 1.36 -9.03 -6.82
N SER A 128 2.18 -9.91 -6.25
CA SER A 128 2.20 -10.12 -4.81
C SER A 128 3.63 -10.26 -4.28
N GLY A 129 3.82 -9.88 -3.02
CA GLY A 129 5.10 -10.05 -2.33
C GLY A 129 4.88 -10.76 -1.01
N SER A 130 5.88 -11.51 -0.58
CA SER A 130 5.72 -12.45 0.53
C SER A 130 6.94 -12.54 1.44
N PHE A 131 6.71 -13.09 2.63
CA PHE A 131 7.79 -13.49 3.54
C PHE A 131 8.66 -14.59 2.96
N ASP A 132 8.18 -15.29 1.94
CA ASP A 132 9.00 -16.29 1.24
C ASP A 132 10.04 -15.65 0.31
N GLU A 133 10.09 -14.31 0.29
CA GLU A 133 11.15 -13.54 -0.38
C GLU A 133 10.96 -13.47 -1.90
N SER A 134 9.80 -13.91 -2.38
CA SER A 134 9.49 -13.89 -3.80
C SER A 134 8.46 -12.82 -4.16
N VAL A 135 8.50 -12.42 -5.43
CA VAL A 135 7.45 -11.64 -6.06
C VAL A 135 6.78 -12.58 -7.05
N ARG A 136 5.46 -12.66 -7.01
CA ARG A 136 4.71 -13.54 -7.90
CA ARG A 136 4.72 -13.53 -7.92
C ARG A 136 3.70 -12.77 -8.75
N ILE A 137 3.51 -13.23 -9.98
CA ILE A 137 2.59 -12.62 -10.94
C ILE A 137 1.50 -13.66 -11.24
N TRP A 138 0.25 -13.24 -11.08
CA TRP A 138 -0.89 -14.15 -11.21
C TRP A 138 -1.85 -13.69 -12.30
N ASP A 139 -2.47 -14.65 -12.97
CA ASP A 139 -3.53 -14.36 -13.93
C ASP A 139 -4.85 -14.21 -13.16
N VAL A 140 -5.50 -13.06 -13.33
CA VAL A 140 -6.74 -12.77 -12.61
C VAL A 140 -7.89 -13.70 -13.04
N ARG A 141 -8.02 -13.92 -14.34
CA ARG A 141 -9.11 -14.74 -14.89
C ARG A 141 -9.08 -16.18 -14.40
N THR A 142 -7.91 -16.82 -14.47
CA THR A 142 -7.75 -18.22 -14.10
C THR A 142 -7.30 -18.43 -12.66
N GLY A 143 -6.71 -17.39 -12.05
CA GLY A 143 -6.22 -17.46 -10.68
C GLY A 143 -4.95 -18.29 -10.52
N LYS A 144 -4.23 -18.50 -11.62
CA LYS A 144 -3.03 -19.33 -11.62
C LYS A 144 -1.76 -18.48 -11.56
N CYS A 145 -0.72 -19.04 -10.94
CA CYS A 145 0.55 -18.36 -10.82
C CYS A 145 1.31 -18.46 -12.14
N LEU A 146 1.58 -17.31 -12.76
CA LEU A 146 2.26 -17.27 -14.05
C LEU A 146 3.78 -17.28 -13.90
N LYS A 147 4.29 -16.49 -12.95
CA LYS A 147 5.73 -16.38 -12.71
C LYS A 147 6.03 -16.21 -11.23
N THR A 148 7.11 -16.83 -10.78
CA THR A 148 7.66 -16.61 -9.44
C THR A 148 9.06 -16.06 -9.61
N LEU A 149 9.28 -14.84 -9.11
CA LEU A 149 10.57 -14.17 -9.21
C LEU A 149 11.35 -14.34 -7.90
N PRO A 150 12.59 -14.85 -7.97
CA PRO A 150 13.45 -14.92 -6.79
C PRO A 150 14.02 -13.53 -6.51
N ALA A 151 13.15 -12.67 -5.97
CA ALA A 151 13.35 -11.23 -6.00
C ALA A 151 14.29 -10.68 -4.94
N HIS A 152 14.21 -11.23 -3.73
CA HIS A 152 14.88 -10.64 -2.57
C HIS A 152 15.43 -11.71 -1.63
N SER A 153 16.18 -11.25 -0.63
CA SER A 153 16.77 -12.14 0.39
C SER A 153 16.18 -11.89 1.78
N ASP A 154 15.03 -11.21 1.82
CA ASP A 154 14.25 -11.00 3.04
C ASP A 154 12.81 -10.73 2.59
N PRO A 155 11.85 -10.67 3.54
CA PRO A 155 10.47 -10.46 3.11
C PRO A 155 10.26 -9.25 2.19
N VAL A 156 9.33 -9.39 1.25
CA VAL A 156 9.00 -8.35 0.29
C VAL A 156 7.92 -7.46 0.91
N SER A 157 8.24 -6.17 1.08
CA SER A 157 7.37 -5.24 1.79
C SER A 157 6.35 -4.52 0.91
N ALA A 158 6.65 -4.37 -0.38
CA ALA A 158 5.71 -3.72 -1.30
C ALA A 158 5.94 -4.15 -2.74
N VAL A 159 4.87 -4.14 -3.53
CA VAL A 159 4.92 -4.42 -4.97
C VAL A 159 3.92 -3.50 -5.68
N HIS A 160 4.30 -2.97 -6.84
CA HIS A 160 3.48 -2.01 -7.55
C HIS A 160 3.81 -2.01 -9.04
N PHE A 161 2.78 -1.97 -9.88
CA PHE A 161 2.96 -1.86 -11.32
C PHE A 161 3.13 -0.39 -11.71
N ASN A 162 3.86 -0.14 -12.78
CA ASN A 162 3.99 1.22 -13.31
C ASN A 162 2.77 1.60 -14.17
N ARG A 163 2.80 2.77 -14.78
CA ARG A 163 1.61 3.36 -15.41
C ARG A 163 0.97 2.48 -16.50
N ASP A 164 1.79 1.83 -17.32
CA ASP A 164 1.29 0.95 -18.39
C ASP A 164 1.39 -0.54 -18.06
N GLY A 165 1.90 -0.86 -16.87
CA GLY A 165 2.01 -2.24 -16.41
C GLY A 165 3.20 -3.03 -16.94
N SER A 166 4.09 -2.35 -17.67
CA SER A 166 5.27 -3.01 -18.26
CA SER A 166 5.26 -3.01 -18.26
C SER A 166 6.34 -3.31 -17.22
N LEU A 167 6.32 -2.59 -16.11
CA LEU A 167 7.30 -2.76 -15.04
C LEU A 167 6.63 -3.03 -13.70
N ILE A 168 7.35 -3.74 -12.83
CA ILE A 168 6.98 -3.92 -11.44
C ILE A 168 8.11 -3.38 -10.58
N VAL A 169 7.78 -2.60 -9.55
CA VAL A 169 8.75 -2.23 -8.53
C VAL A 169 8.46 -3.02 -7.27
N SER A 170 9.51 -3.51 -6.63
CA SER A 170 9.40 -4.24 -5.38
C SER A 170 10.37 -3.66 -4.36
N SER A 171 10.03 -3.75 -3.09
CA SER A 171 10.90 -3.35 -1.99
C SER A 171 10.97 -4.46 -0.96
N SER A 172 12.03 -4.45 -0.16
CA SER A 172 12.25 -5.53 0.80
C SER A 172 13.02 -5.09 2.03
N TYR A 173 12.80 -5.84 3.11
CA TYR A 173 13.58 -5.70 4.34
C TYR A 173 15.09 -5.91 4.09
N ASP A 174 15.45 -6.52 2.96
CA ASP A 174 16.86 -6.71 2.59
C ASP A 174 17.58 -5.41 2.20
N GLY A 175 16.85 -4.30 2.12
CA GLY A 175 17.43 -2.99 1.88
C GLY A 175 17.41 -2.56 0.42
N LEU A 176 16.79 -3.37 -0.43
CA LEU A 176 16.80 -3.12 -1.86
C LEU A 176 15.43 -2.76 -2.42
N CYS A 177 15.47 -1.90 -3.44
CA CYS A 177 14.33 -1.66 -4.31
CA CYS A 177 14.34 -1.65 -4.32
C CYS A 177 14.73 -2.23 -5.67
N ARG A 178 13.84 -3.01 -6.28
CA ARG A 178 14.15 -3.61 -7.58
C ARG A 178 13.03 -3.38 -8.58
N ILE A 179 13.44 -3.21 -9.85
CA ILE A 179 12.52 -3.01 -10.96
C ILE A 179 12.57 -4.26 -11.84
N TRP A 180 11.39 -4.79 -12.16
CA TRP A 180 11.26 -6.05 -12.90
C TRP A 180 10.49 -5.83 -14.20
N ASP A 181 10.93 -6.51 -15.25
CA ASP A 181 10.18 -6.53 -16.50
C ASP A 181 9.01 -7.51 -16.31
N THR A 182 7.79 -7.00 -16.46
CA THR A 182 6.59 -7.81 -16.26
C THR A 182 6.55 -9.03 -17.18
N ALA A 183 6.90 -8.83 -18.44
CA ALA A 183 6.80 -9.88 -19.46
C ALA A 183 7.84 -10.98 -19.27
N SER A 184 9.09 -10.61 -19.09
CA SER A 184 10.20 -11.57 -19.00
C SER A 184 10.54 -11.98 -17.58
N GLY A 185 10.28 -11.11 -16.61
CA GLY A 185 10.63 -11.35 -15.22
C GLY A 185 12.07 -11.02 -14.87
N GLN A 186 12.79 -10.40 -15.81
CA GLN A 186 14.18 -10.03 -15.59
CA GLN A 186 14.20 -10.02 -15.59
C GLN A 186 14.30 -8.84 -14.63
N CYS A 187 15.34 -8.85 -13.81
CA CYS A 187 15.65 -7.73 -12.93
C CYS A 187 16.35 -6.66 -13.76
N LEU A 188 15.67 -5.54 -13.98
CA LEU A 188 16.20 -4.46 -14.81
C LEU A 188 17.02 -3.44 -14.03
N LYS A 189 16.78 -3.34 -12.71
CA LYS A 189 17.48 -2.37 -11.89
C LYS A 189 17.41 -2.70 -10.41
N THR A 190 18.47 -2.37 -9.69
CA THR A 190 18.48 -2.41 -8.23
C THR A 190 18.84 -1.01 -7.74
N LEU A 191 18.01 -0.48 -6.85
CA LEU A 191 18.20 0.86 -6.31
C LEU A 191 18.46 0.82 -4.82
N ILE A 192 19.48 1.56 -4.38
CA ILE A 192 19.88 1.65 -2.99
C ILE A 192 20.80 2.88 -2.83
N ASP A 193 20.70 3.55 -1.69
CA ASP A 193 21.52 4.74 -1.44
C ASP A 193 22.75 4.38 -0.59
N ASP A 194 23.43 5.38 -0.03
CA ASP A 194 24.70 5.13 0.68
C ASP A 194 24.53 4.41 2.04
N ASP A 195 23.30 4.35 2.55
CA ASP A 195 22.98 3.52 3.73
C ASP A 195 22.08 2.36 3.28
N ASN A 196 22.03 1.30 4.09
CA ASN A 196 21.31 0.07 3.71
C ASN A 196 20.20 -0.36 4.68
N PRO A 197 19.35 0.57 5.12
CA PRO A 197 18.25 0.18 6.01
C PRO A 197 17.17 -0.60 5.28
N PRO A 198 16.34 -1.35 6.02
CA PRO A 198 15.20 -2.02 5.39
C PRO A 198 14.34 -1.05 4.59
N VAL A 199 13.93 -1.44 3.39
CA VAL A 199 12.99 -0.66 2.60
C VAL A 199 11.59 -1.17 2.93
N SER A 200 10.78 -0.29 3.50
CA SER A 200 9.50 -0.67 4.09
C SER A 200 8.30 -0.40 3.18
N PHE A 201 8.49 0.39 2.13
CA PHE A 201 7.42 0.69 1.18
C PHE A 201 7.97 1.27 -0.11
N VAL A 202 7.29 1.01 -1.21
CA VAL A 202 7.60 1.66 -2.49
C VAL A 202 6.37 1.69 -3.39
N LYS A 203 6.27 2.75 -4.20
CA LYS A 203 5.25 2.84 -5.24
C LYS A 203 5.69 3.82 -6.32
N PHE A 204 5.28 3.57 -7.55
CA PHE A 204 5.40 4.54 -8.64
C PHE A 204 4.50 5.76 -8.41
N SER A 205 4.92 6.90 -8.95
CA SER A 205 4.11 8.11 -8.92
C SER A 205 2.93 7.98 -9.88
N PRO A 206 1.89 8.82 -9.71
CA PRO A 206 0.74 8.77 -10.63
C PRO A 206 1.11 8.96 -12.10
N ASN A 207 2.10 9.83 -12.38
CA ASN A 207 2.57 10.05 -13.75
C ASN A 207 3.56 8.99 -14.24
N GLY A 208 4.00 8.13 -13.33
CA GLY A 208 4.76 6.93 -13.69
C GLY A 208 6.27 7.07 -13.81
N LYS A 209 6.80 8.28 -13.66
CA LYS A 209 8.23 8.50 -13.90
C LYS A 209 9.10 8.48 -12.64
N TYR A 210 8.47 8.45 -11.46
CA TYR A 210 9.20 8.37 -10.20
C TYR A 210 8.75 7.18 -9.37
N ILE A 211 9.58 6.80 -8.40
CA ILE A 211 9.14 5.93 -7.31
C ILE A 211 9.37 6.63 -5.98
N LEU A 212 8.44 6.41 -5.05
CA LEU A 212 8.55 6.91 -3.69
C LEU A 212 8.86 5.74 -2.78
N ALA A 213 9.99 5.78 -2.09
CA ALA A 213 10.43 4.67 -1.25
C ALA A 213 10.59 5.11 0.20
N ALA A 214 10.06 4.30 1.11
CA ALA A 214 10.24 4.50 2.54
C ALA A 214 11.29 3.53 3.05
N THR A 215 12.16 4.01 3.94
CA THR A 215 13.14 3.16 4.62
C THR A 215 13.01 3.31 6.12
N LEU A 216 13.40 2.28 6.86
CA LEU A 216 13.23 2.28 8.32
C LEU A 216 14.33 3.03 9.05
N ASP A 217 14.67 4.20 8.50
CA ASP A 217 15.56 5.16 9.15
C ASP A 217 14.90 6.54 9.10
N ASN A 218 13.58 6.57 9.26
CA ASN A 218 12.81 7.82 9.33
C ASN A 218 12.92 8.67 8.06
N THR A 219 12.96 8.03 6.89
CA THR A 219 13.20 8.74 5.64
C THR A 219 12.33 8.23 4.49
N LEU A 220 11.76 9.16 3.74
CA LEU A 220 11.13 8.88 2.46
C LEU A 220 12.00 9.47 1.36
N LYS A 221 12.06 8.81 0.21
CA LYS A 221 12.86 9.30 -0.92
C LYS A 221 12.15 9.18 -2.25
N LEU A 222 12.23 10.23 -3.05
CA LEU A 222 11.71 10.24 -4.41
C LEU A 222 12.87 9.96 -5.37
N TRP A 223 12.73 8.87 -6.13
CA TRP A 223 13.76 8.46 -7.08
C TRP A 223 13.29 8.65 -8.52
N ASP A 224 14.20 9.11 -9.38
CA ASP A 224 14.05 8.93 -10.82
C ASP A 224 14.63 7.56 -11.10
N TYR A 225 13.76 6.56 -11.25
CA TYR A 225 14.19 5.17 -11.34
C TYR A 225 14.91 4.83 -12.66
N SER A 226 14.55 5.53 -13.74
CA SER A 226 15.22 5.31 -15.04
C SER A 226 16.68 5.78 -14.99
N LYS A 227 16.91 6.91 -14.34
CA LYS A 227 18.28 7.43 -14.14
C LYS A 227 18.96 6.84 -12.92
N GLY A 228 18.16 6.31 -12.00
CA GLY A 228 18.67 5.71 -10.76
C GLY A 228 19.20 6.74 -9.78
N LYS A 229 18.57 7.92 -9.75
CA LYS A 229 19.00 9.01 -8.88
C LYS A 229 17.91 9.39 -7.88
N CYS A 230 18.33 9.64 -6.64
CA CYS A 230 17.43 10.15 -5.61
C CYS A 230 17.30 11.67 -5.78
N LEU A 231 16.09 12.12 -6.07
CA LEU A 231 15.83 13.53 -6.36
C LEU A 231 15.46 14.34 -5.12
N LYS A 232 14.66 13.74 -4.24
CA LYS A 232 14.15 14.42 -3.05
C LYS A 232 14.17 13.47 -1.87
N THR A 233 14.36 14.01 -0.66
CA THR A 233 14.20 13.24 0.57
C THR A 233 13.22 13.97 1.49
N TYR A 234 12.40 13.21 2.21
CA TYR A 234 11.41 13.78 3.12
C TYR A 234 11.63 13.21 4.51
N THR A 235 11.84 14.10 5.48
CA THR A 235 12.12 13.72 6.86
C THR A 235 11.30 14.58 7.82
N GLY A 236 11.31 14.18 9.10
CA GLY A 236 10.51 14.83 10.13
C GLY A 236 9.63 13.86 10.90
N HIS A 237 9.22 12.80 10.20
CA HIS A 237 8.37 11.75 10.76
C HIS A 237 9.20 10.69 11.49
N LYS A 238 8.51 9.72 12.08
CA LYS A 238 9.14 8.62 12.80
C LYS A 238 8.77 7.29 12.16
N ASN A 239 9.77 6.56 11.67
CA ASN A 239 9.54 5.29 11.00
C ASN A 239 10.77 4.39 11.07
N GLU A 240 10.81 3.55 12.11
CA GLU A 240 11.90 2.58 12.30
C GLU A 240 11.41 1.13 12.46
N LYS A 241 10.10 0.92 12.56
CA LYS A 241 9.53 -0.38 12.95
C LYS A 241 8.60 -1.03 11.93
N TYR A 242 7.71 -0.23 11.33
CA TYR A 242 6.60 -0.76 10.54
C TYR A 242 6.65 -0.36 9.08
N CYS A 243 6.02 -1.17 8.24
CA CYS A 243 5.88 -0.89 6.81
C CYS A 243 4.70 0.04 6.58
N ILE A 244 4.97 1.33 6.76
CA ILE A 244 3.96 2.38 6.69
C ILE A 244 3.78 2.84 5.25
N PHE A 245 2.52 2.95 4.83
CA PHE A 245 2.19 3.39 3.47
C PHE A 245 2.49 4.88 3.30
N ALA A 246 2.97 5.23 2.12
CA ALA A 246 3.19 6.64 1.75
C ALA A 246 2.51 6.91 0.41
N ASN A 247 2.17 8.16 0.16
CA ASN A 247 1.33 8.52 -0.97
C ASN A 247 1.70 9.84 -1.63
N PHE A 248 1.37 9.94 -2.92
CA PHE A 248 1.34 11.21 -3.63
C PHE A 248 -0.07 11.78 -3.54
N SER A 249 -0.19 13.03 -3.10
CA SER A 249 -1.46 13.74 -3.13
C SER A 249 -1.43 14.71 -4.32
N VAL A 250 -2.36 14.55 -5.26
CA VAL A 250 -2.33 15.31 -6.52
C VAL A 250 -3.63 16.03 -6.88
N THR A 251 -4.62 15.99 -5.98
CA THR A 251 -5.94 16.58 -6.27
C THR A 251 -5.96 18.10 -6.09
N GLY A 252 -5.19 18.60 -5.13
CA GLY A 252 -5.02 20.04 -4.93
C GLY A 252 -3.54 20.39 -5.06
N GLY A 253 -2.94 20.85 -3.97
CA GLY A 253 -1.49 21.07 -3.92
C GLY A 253 -0.77 19.74 -3.99
N LYS A 254 0.47 19.76 -4.49
CA LYS A 254 1.23 18.53 -4.67
C LYS A 254 1.98 18.17 -3.39
N TRP A 255 1.45 17.20 -2.65
CA TRP A 255 2.02 16.79 -1.37
C TRP A 255 2.55 15.36 -1.39
N ILE A 256 3.39 15.05 -0.41
CA ILE A 256 3.69 13.68 -0.02
C ILE A 256 2.98 13.47 1.31
N VAL A 257 2.35 12.30 1.47
CA VAL A 257 1.58 11.98 2.67
C VAL A 257 2.03 10.63 3.21
N SER A 258 2.24 10.55 4.52
CA SER A 258 2.64 9.30 5.16
C SER A 258 2.17 9.22 6.61
N GLY A 259 2.05 7.99 7.09
CA GLY A 259 1.84 7.73 8.50
C GLY A 259 3.16 7.87 9.26
N SER A 260 3.10 7.64 10.57
CA SER A 260 4.25 7.83 11.44
C SER A 260 4.05 7.12 12.77
N GLU A 261 5.17 6.75 13.38
CA GLU A 261 5.17 6.02 14.65
C GLU A 261 5.05 6.95 15.87
N ASP A 262 4.92 8.25 15.63
CA ASP A 262 4.52 9.20 16.67
C ASP A 262 3.02 9.53 16.59
N ASN A 263 2.25 8.65 15.93
CA ASN A 263 0.79 8.68 15.93
C ASN A 263 0.15 9.82 15.13
N MET A 264 0.90 10.37 14.17
CA MET A 264 0.41 11.47 13.34
C MET A 264 0.55 11.18 11.86
N VAL A 265 -0.30 11.82 11.06
CA VAL A 265 -0.14 11.82 9.60
C VAL A 265 0.74 13.01 9.25
N TYR A 266 1.79 12.76 8.46
CA TYR A 266 2.68 13.83 8.00
C TYR A 266 2.37 14.18 6.55
N ILE A 267 2.38 15.49 6.26
CA ILE A 267 2.19 15.99 4.91
C ILE A 267 3.35 16.91 4.57
N TRP A 268 4.04 16.62 3.47
CA TRP A 268 5.16 17.44 2.99
C TRP A 268 4.79 18.12 1.68
N ASN A 269 5.40 19.27 1.43
CA ASN A 269 5.41 19.86 0.10
C ASN A 269 6.37 19.05 -0.76
N LEU A 270 5.89 18.52 -1.89
CA LEU A 270 6.69 17.62 -2.73
C LEU A 270 7.98 18.30 -3.22
N GLN A 271 7.88 19.54 -3.67
CA GLN A 271 9.03 20.25 -4.23
C GLN A 271 10.01 20.75 -3.17
N SER A 272 9.50 21.48 -2.18
CA SER A 272 10.34 22.09 -1.15
C SER A 272 10.80 21.10 -0.08
N LYS A 273 10.05 20.01 0.08
CA LYS A 273 10.32 18.97 1.08
C LYS A 273 10.07 19.41 2.53
N GLU A 274 9.41 20.55 2.71
CA GLU A 274 9.07 21.05 4.04
C GLU A 274 7.82 20.34 4.54
N VAL A 275 7.78 20.07 5.85
CA VAL A 275 6.58 19.56 6.48
C VAL A 275 5.57 20.71 6.54
N VAL A 276 4.41 20.50 5.92
CA VAL A 276 3.38 21.55 5.82
C VAL A 276 2.18 21.33 6.75
N GLN A 277 1.98 20.09 7.19
CA GLN A 277 0.94 19.79 8.18
C GLN A 277 1.17 18.45 8.87
N LYS A 278 0.74 18.38 10.14
CA LYS A 278 0.71 17.13 10.89
C LYS A 278 -0.69 16.95 11.45
N LEU A 279 -1.29 15.79 11.19
CA LEU A 279 -2.66 15.51 11.62
C LEU A 279 -2.66 14.67 12.89
N GLN A 280 -3.16 15.25 13.98
CA GLN A 280 -3.22 14.59 15.30
C GLN A 280 -4.61 14.03 15.56
N GLY A 281 -4.66 12.91 16.28
CA GLY A 281 -5.95 12.29 16.63
C GLY A 281 -5.86 10.83 17.01
N HIS A 282 -5.08 10.07 16.24
CA HIS A 282 -4.91 8.65 16.50
C HIS A 282 -4.14 8.41 17.82
N THR A 283 -4.46 7.30 18.48
CA THR A 283 -3.88 6.95 19.78
C THR A 283 -2.78 5.89 19.66
N ASP A 284 -2.45 5.51 18.43
CA ASP A 284 -1.37 4.55 18.17
C ASP A 284 -0.74 4.89 16.82
N THR A 285 0.32 4.17 16.47
CA THR A 285 1.04 4.37 15.21
C THR A 285 0.08 4.38 14.02
N VAL A 286 0.22 5.37 13.16
CA VAL A 286 -0.56 5.46 11.93
C VAL A 286 0.16 4.63 10.87
N LEU A 287 -0.35 3.42 10.65
CA LEU A 287 0.29 2.47 9.74
C LEU A 287 -0.07 2.74 8.29
N CYS A 288 -1.29 3.17 8.04
CA CYS A 288 -1.76 3.32 6.66
C CYS A 288 -2.38 4.69 6.40
N THR A 289 -2.17 5.17 5.17
CA THR A 289 -2.78 6.39 4.67
C THR A 289 -3.13 6.17 3.21
N ALA A 290 -4.09 6.95 2.72
CA ALA A 290 -4.48 6.92 1.32
C ALA A 290 -5.06 8.27 0.93
N CYS A 291 -4.91 8.62 -0.35
CA CYS A 291 -5.40 9.88 -0.89
C CYS A 291 -6.50 9.61 -1.91
N HIS A 292 -7.58 10.36 -1.83
CA HIS A 292 -8.73 10.19 -2.71
C HIS A 292 -8.37 10.66 -4.15
N PRO A 293 -8.91 9.99 -5.17
CA PRO A 293 -8.45 10.28 -6.55
C PRO A 293 -8.84 11.64 -7.15
N THR A 294 -9.96 12.24 -6.72
CA THR A 294 -10.43 13.52 -7.27
C THR A 294 -10.62 14.67 -6.26
N GLU A 295 -11.00 14.34 -5.03
CA GLU A 295 -11.19 15.32 -3.95
C GLU A 295 -10.01 15.30 -2.98
N ASN A 296 -9.82 16.41 -2.27
CA ASN A 296 -8.75 16.53 -1.27
C ASN A 296 -9.18 15.83 0.02
N ILE A 297 -9.10 14.51 0.01
CA ILE A 297 -9.49 13.68 1.15
C ILE A 297 -8.37 12.69 1.45
N ILE A 298 -7.98 12.62 2.72
CA ILE A 298 -7.01 11.64 3.20
C ILE A 298 -7.71 10.67 4.15
N ALA A 299 -7.42 9.38 3.97
CA ALA A 299 -7.82 8.37 4.94
C ALA A 299 -6.58 7.92 5.70
N SER A 300 -6.72 7.74 7.00
CA SER A 300 -5.62 7.25 7.84
C SER A 300 -6.15 6.18 8.78
N ALA A 301 -5.30 5.25 9.19
CA ALA A 301 -5.71 4.22 10.15
C ALA A 301 -4.51 3.75 10.98
N ALA A 302 -4.81 3.20 12.16
CA ALA A 302 -3.80 2.98 13.19
C ALA A 302 -3.81 1.55 13.75
N LEU A 303 -2.80 1.27 14.58
CA LEU A 303 -2.55 -0.06 15.10
C LEU A 303 -3.42 -0.44 16.31
N GLU A 304 -3.03 -1.50 17.01
CA GLU A 304 -3.90 -2.21 17.96
C GLU A 304 -4.53 -1.35 19.06
N ASN A 305 -3.82 -0.35 19.55
CA ASN A 305 -4.35 0.49 20.65
C ASN A 305 -5.38 1.53 20.19
N ASP A 306 -5.56 1.66 18.87
CA ASP A 306 -6.45 2.65 18.28
C ASP A 306 -7.60 1.98 17.54
N LYS A 307 -7.27 1.19 16.52
CA LYS A 307 -8.23 0.41 15.72
C LYS A 307 -9.19 1.20 14.82
N THR A 308 -9.00 2.51 14.70
CA THR A 308 -9.93 3.34 13.91
C THR A 308 -9.32 3.84 12.61
N ILE A 309 -10.23 4.21 11.71
CA ILE A 309 -9.90 4.89 10.46
C ILE A 309 -10.41 6.31 10.58
N LYS A 310 -9.64 7.28 10.09
CA LYS A 310 -10.06 8.67 10.10
C LYS A 310 -10.05 9.27 8.71
N LEU A 311 -11.06 10.09 8.41
CA LEU A 311 -11.17 10.78 7.12
C LEU A 311 -10.98 12.27 7.35
N TRP A 312 -10.02 12.84 6.62
CA TRP A 312 -9.66 14.25 6.75
C TRP A 312 -9.91 14.94 5.41
N LYS A 313 -10.35 16.20 5.45
CA LYS A 313 -10.63 16.95 4.23
C LYS A 313 -10.02 18.35 4.24
N SER A 314 -9.58 18.79 3.07
CA SER A 314 -8.91 20.09 2.91
C SER A 314 -9.50 20.82 1.70
N ASP A 315 -9.53 22.15 1.74
CA ASP A 315 -9.98 22.95 0.60
C ASP A 315 -8.83 23.21 -0.40
N THR A 316 -7.60 22.97 0.03
CA THR A 316 -6.42 23.08 -0.84
C THR A 316 -5.64 21.78 -0.90
N LEU B 5 -0.62 -11.07 15.66
CA LEU B 5 -0.95 -10.02 14.65
C LEU B 5 -0.43 -10.37 13.26
N CYS B 6 -1.12 -9.88 12.23
CA CYS B 6 -0.71 -10.07 10.84
C CYS B 6 0.67 -9.46 10.61
N SER B 7 1.33 -9.87 9.53
CA SER B 7 2.72 -9.51 9.29
C SER B 7 2.99 -8.01 9.30
N ARG B 8 2.16 -7.22 8.64
CA ARG B 8 2.38 -5.77 8.59
C ARG B 8 2.23 -5.11 9.97
N ALA B 9 1.44 -5.72 10.85
CA ALA B 9 1.24 -5.19 12.20
C ALA B 9 2.29 -5.68 13.21
N ARG B 10 3.29 -6.44 12.74
CA ARG B 10 4.40 -6.87 13.60
C ARG B 10 5.63 -6.01 13.32
N PRO B 11 6.27 -5.47 14.39
CA PRO B 11 7.42 -4.59 14.20
C PRO B 11 8.69 -5.31 13.73
N LEU B 12 9.63 -4.53 13.19
CA LEU B 12 10.91 -5.05 12.72
C LEU B 12 11.58 -5.91 13.79
N VAL B 13 11.98 -7.13 13.43
CA VAL B 13 12.65 -8.03 14.35
C VAL B 13 14.11 -7.63 14.49
#